data_1ZTZ
#
_entry.id   1ZTZ
#
_cell.length_a   85.321
_cell.length_b   67.181
_cell.length_c   42.498
_cell.angle_alpha   90.00
_cell.angle_beta   94.99
_cell.angle_gamma   90.00
#
_symmetry.space_group_name_H-M   'C 1 2 1'
#
loop_
_entity.id
_entity.type
_entity.pdbx_description
1 polymer 'PROTEASE RETROPEPSIN'
2 polymer 'autoproteolytic tetrapeptide'
3 non-polymer 'COBALT BIS(1,2-DICARBOLLIDE)'
4 water water
#
loop_
_entity_poly.entity_id
_entity_poly.type
_entity_poly.pdbx_seq_one_letter_code
_entity_poly.pdbx_strand_id
1 'polypeptide(L)'
;PQITLWKRPLVTIKIGGQLKEALLDTGADDTVIEEMSLPGRWKPKMIGGIGGFIKVRQYDQIIIEICGHKAIGTVLVGPT
PVNIIGRNLLTQIGCTLNF
;
A,B
2 'polypeptide(L)' AGAA P
#
# COMPACT_ATOMS: atom_id res chain seq x y z
N PRO A 1 13.55 -11.29 5.42
CA PRO A 1 12.42 -12.21 5.50
C PRO A 1 11.52 -12.19 4.28
N GLN A 2 10.59 -13.14 4.25
CA GLN A 2 9.54 -13.18 3.25
C GLN A 2 8.25 -13.01 4.04
N ILE A 3 7.53 -11.92 3.76
CA ILE A 3 6.26 -11.63 4.43
C ILE A 3 5.15 -12.00 3.44
N THR A 4 4.29 -12.90 3.87
CA THR A 4 3.12 -13.21 3.06
C THR A 4 2.06 -12.18 3.45
N LEU A 5 0.99 -12.12 2.66
CA LEU A 5 0.04 -11.02 2.78
C LEU A 5 -1.35 -11.49 3.20
N TRP A 6 -1.42 -12.70 3.75
CA TRP A 6 -2.68 -13.21 4.30
C TRP A 6 -3.15 -12.25 5.36
N LYS A 7 -2.19 -11.66 6.07
CA LYS A 7 -2.48 -10.65 7.07
C LYS A 7 -1.85 -9.34 6.63
N ARG A 8 -2.20 -8.25 7.29
CA ARG A 8 -1.42 -7.02 7.04
C ARG A 8 0.05 -7.21 7.39
N PRO A 9 0.92 -6.65 6.53
CA PRO A 9 2.36 -6.75 6.75
C PRO A 9 2.82 -5.78 7.83
N LEU A 10 2.45 -6.06 9.07
CA LEU A 10 2.87 -5.27 10.21
C LEU A 10 4.16 -5.88 10.74
N VAL A 11 5.17 -5.06 10.96
CA VAL A 11 6.46 -5.58 11.38
C VAL A 11 6.96 -4.69 12.52
N THR A 12 8.00 -5.15 13.19
CA THR A 12 8.57 -4.30 14.22
C THR A 12 9.64 -3.44 13.59
N ILE A 13 9.55 -2.15 13.88
CA ILE A 13 10.60 -1.23 13.49
C ILE A 13 11.21 -0.66 14.76
N LYS A 14 12.45 -0.21 14.60
CA LYS A 14 13.16 0.45 15.68
C LYS A 14 13.51 1.86 15.17
N ILE A 15 13.09 2.90 15.89
CA ILE A 15 13.30 4.26 15.43
C ILE A 15 13.40 5.06 16.71
N GLY A 16 14.35 5.99 16.79
CA GLY A 16 14.54 6.81 17.96
C GLY A 16 14.70 6.05 19.26
N GLY A 17 15.30 4.87 19.14
CA GLY A 17 15.50 4.03 20.30
C GLY A 17 14.25 3.27 20.72
N GLN A 18 13.17 3.41 19.96
CA GLN A 18 11.85 2.90 20.32
C GLN A 18 11.45 1.79 19.35
N LEU A 19 10.70 0.84 19.88
CA LEU A 19 10.23 -0.26 19.04
C LEU A 19 8.78 0.09 18.69
N LYS A 20 8.40 -0.05 17.43
CA LYS A 20 7.03 0.24 17.02
C LYS A 20 6.57 -0.81 16.03
N GLU A 21 5.25 -0.93 15.87
CA GLU A 21 4.66 -1.72 14.81
C GLU A 21 4.40 -0.82 13.63
N ALA A 22 4.72 -1.30 12.44
CA ALA A 22 4.53 -0.47 11.26
C ALA A 22 4.10 -1.33 10.10
N LEU A 23 3.28 -0.73 9.24
CA LEU A 23 2.76 -1.37 8.05
C LEU A 23 3.69 -1.16 6.87
N LEU A 24 4.14 -2.25 6.25
CA LEU A 24 4.94 -2.20 5.04
C LEU A 24 3.96 -1.98 3.89
N ASP A 25 4.05 -0.78 3.32
CA ASP A 25 2.97 -0.28 2.49
C ASP A 25 3.49 0.11 1.10
N THR A 26 3.41 -0.81 0.14
CA THR A 26 3.88 -0.53 -1.21
C THR A 26 3.03 0.54 -1.91
N GLY A 27 1.88 0.87 -1.35
CA GLY A 27 1.06 1.92 -1.95
C GLY A 27 1.45 3.30 -1.46
N ALA A 28 2.34 3.34 -0.47
CA ALA A 28 2.77 4.59 0.13
C ALA A 28 4.13 5.00 -0.44
N ASP A 29 4.21 6.28 -0.76
CA ASP A 29 5.40 6.87 -1.34
C ASP A 29 6.40 7.07 -0.20
N ASP A 30 5.88 7.59 0.89
CA ASP A 30 6.73 7.98 1.99
C ASP A 30 6.30 7.24 3.24
N THR A 31 7.04 7.52 4.31
CA THR A 31 6.95 6.89 5.61
C THR A 31 6.47 7.88 6.66
N VAL A 32 5.36 7.55 7.32
CA VAL A 32 4.82 8.39 8.39
C VAL A 32 4.79 7.58 9.68
N ILE A 33 5.36 8.17 10.73
CA ILE A 33 5.39 7.53 12.04
C ILE A 33 4.64 8.36 13.10
N GLU A 34 3.99 7.67 14.04
CA GLU A 34 3.22 8.38 15.05
C GLU A 34 4.09 9.34 15.85
N GLU A 35 3.40 10.25 16.52
CA GLU A 35 3.99 11.35 17.26
C GLU A 35 5.05 10.78 18.19
N MET A 36 6.28 11.26 18.03
CA MET A 36 7.36 10.81 18.91
C MET A 36 8.48 11.85 18.85
N SER A 37 9.42 11.74 19.79
CA SER A 37 10.62 12.55 19.80
C SER A 37 11.76 12.00 18.94
N LEU A 38 12.22 12.84 18.02
CA LEU A 38 13.42 12.56 17.27
C LEU A 38 14.38 13.73 17.40
N PRO A 39 15.68 13.44 17.29
CA PRO A 39 16.70 14.41 17.67
C PRO A 39 16.98 15.50 16.63
N GLY A 40 16.59 15.29 15.39
CA GLY A 40 16.94 16.28 14.36
C GLY A 40 16.42 17.71 14.47
N ARG A 41 16.86 18.52 13.52
CA ARG A 41 16.02 19.56 12.95
C ARG A 41 15.00 18.88 12.04
N TRP A 42 13.87 19.55 11.82
CA TRP A 42 12.85 19.01 10.94
C TRP A 42 12.31 20.13 10.06
N LYS A 43 11.43 19.79 9.12
CA LYS A 43 10.67 20.80 8.41
C LYS A 43 9.18 20.46 8.57
N PRO A 44 8.40 21.49 8.92
CA PRO A 44 6.94 21.36 8.89
C PRO A 44 6.53 20.95 7.48
N LYS A 45 5.61 19.98 7.39
CA LYS A 45 4.97 19.58 6.13
C LYS A 45 3.52 19.25 6.44
N MET A 46 2.69 19.31 5.39
CA MET A 46 1.29 18.96 5.43
C MET A 46 1.21 17.70 4.56
N ILE A 47 0.49 16.69 5.00
CA ILE A 47 0.27 15.53 4.14
C ILE A 47 -1.19 15.08 4.23
N GLY A 48 -1.55 14.17 3.33
CA GLY A 48 -2.91 13.67 3.16
C GLY A 48 -3.92 14.61 2.53
N GLY A 49 -5.13 14.08 2.32
CA GLY A 49 -6.20 14.94 1.84
C GLY A 49 -5.88 15.43 0.44
N ILE A 50 -6.52 16.54 0.09
CA ILE A 50 -6.41 17.14 -1.25
C ILE A 50 -5.61 18.42 -1.06
N GLY A 51 -4.29 18.26 -1.08
CA GLY A 51 -3.37 19.36 -0.82
C GLY A 51 -2.92 19.54 0.61
N GLY A 52 -3.13 18.54 1.48
CA GLY A 52 -2.61 18.60 2.84
C GLY A 52 -3.77 18.52 3.84
N PHE A 53 -3.58 17.72 4.88
CA PHE A 53 -4.69 17.47 5.77
C PHE A 53 -4.17 17.51 7.21
N ILE A 54 -2.98 16.95 7.41
CA ILE A 54 -2.38 16.86 8.74
C ILE A 54 -0.98 17.46 8.68
N LYS A 55 -0.60 18.16 9.74
CA LYS A 55 0.74 18.69 9.89
C LYS A 55 1.64 17.58 10.41
N VAL A 56 2.79 17.44 9.78
CA VAL A 56 3.76 16.41 10.19
C VAL A 56 5.12 17.10 10.25
N ARG A 57 6.09 16.41 10.84
CA ARG A 57 7.44 16.96 10.91
C ARG A 57 8.26 16.04 10.03
N GLN A 58 8.97 16.63 9.07
CA GLN A 58 9.83 15.90 8.16
C GLN A 58 11.23 15.90 8.75
N TYR A 59 11.69 14.72 9.16
CA TYR A 59 13.05 14.47 9.64
C TYR A 59 13.81 13.74 8.55
N ASP A 60 14.89 14.33 8.06
CA ASP A 60 15.75 13.68 7.07
C ASP A 60 16.81 12.83 7.76
N GLN A 61 17.37 11.88 7.00
CA GLN A 61 18.47 11.05 7.46
C GLN A 61 18.19 10.30 8.76
N ILE A 62 17.00 9.71 8.90
CA ILE A 62 16.70 9.04 10.15
C ILE A 62 17.08 7.57 9.97
N ILE A 63 17.81 7.02 10.93
CA ILE A 63 18.08 5.59 10.93
C ILE A 63 16.88 4.87 11.53
N ILE A 64 16.42 3.86 10.80
CA ILE A 64 15.28 3.07 11.25
C ILE A 64 15.71 1.62 10.97
N GLU A 65 15.23 0.69 11.79
CA GLU A 65 15.55 -0.70 11.55
C GLU A 65 14.18 -1.33 11.34
N ILE A 66 14.03 -2.07 10.24
CA ILE A 66 12.80 -2.76 9.83
C ILE A 66 13.10 -4.25 9.78
N CYS A 67 12.48 -4.98 10.71
CA CYS A 67 12.88 -6.37 10.94
C CYS A 67 14.37 -6.66 10.96
N GLY A 68 15.15 -5.92 11.74
CA GLY A 68 16.58 -6.22 11.70
C GLY A 68 17.36 -5.66 10.52
N HIS A 69 16.70 -4.95 9.61
CA HIS A 69 17.34 -4.32 8.47
C HIS A 69 17.39 -2.82 8.64
N LYS A 70 18.61 -2.28 8.64
CA LYS A 70 18.82 -0.86 8.88
C LYS A 70 18.67 -0.10 7.57
N ALA A 71 18.10 1.09 7.62
CA ALA A 71 17.88 1.91 6.44
C ALA A 71 17.99 3.31 7.03
N ILE A 72 18.30 4.31 6.20
CA ILE A 72 18.18 5.69 6.62
C ILE A 72 17.37 6.38 5.53
N GLY A 73 16.53 7.31 5.98
CA GLY A 73 15.86 8.19 5.03
C GLY A 73 14.93 9.12 5.80
N THR A 74 14.06 9.74 5.01
CA THR A 74 13.13 10.74 5.51
C THR A 74 11.98 9.99 6.16
N VAL A 75 11.71 10.40 7.39
CA VAL A 75 10.54 9.98 8.16
C VAL A 75 9.68 11.21 8.47
N LEU A 76 8.38 11.15 8.19
CA LEU A 76 7.43 12.19 8.61
C LEU A 76 6.82 11.73 9.93
N VAL A 77 6.74 12.66 10.87
CA VAL A 77 6.28 12.30 12.21
C VAL A 77 5.02 13.14 12.41
N GLY A 78 3.90 12.49 12.70
CA GLY A 78 2.61 13.12 12.90
C GLY A 78 1.54 12.21 13.48
N PRO A 79 0.32 12.73 13.70
CA PRO A 79 -0.81 11.98 14.24
C PRO A 79 -1.40 10.81 13.43
N THR A 80 -0.53 10.07 12.76
CA THR A 80 -1.01 8.95 11.95
C THR A 80 -1.58 7.85 12.86
N PRO A 81 -2.70 7.24 12.45
CA PRO A 81 -3.24 6.14 13.25
C PRO A 81 -2.44 4.84 13.06
N VAL A 82 -1.65 4.81 11.98
CA VAL A 82 -0.93 3.62 11.55
C VAL A 82 0.48 4.07 11.17
N ASN A 83 1.50 3.45 11.77
CA ASN A 83 2.85 3.71 11.28
C ASN A 83 3.01 3.03 9.93
N ILE A 84 3.44 3.85 8.97
CA ILE A 84 3.50 3.41 7.59
C ILE A 84 4.93 3.46 7.10
N ILE A 85 5.45 2.32 6.63
CA ILE A 85 6.75 2.34 6.02
C ILE A 85 6.46 2.38 4.52
N GLY A 86 6.77 3.50 3.88
CA GLY A 86 6.55 3.65 2.45
C GLY A 86 7.73 3.23 1.59
N ARG A 87 7.63 3.48 0.30
CA ARG A 87 8.61 2.97 -0.64
C ARG A 87 9.98 3.62 -0.47
N ASN A 88 9.99 4.86 0.03
CA ASN A 88 11.24 5.58 0.27
C ASN A 88 12.13 4.75 1.18
N LEU A 89 11.51 4.04 2.12
CA LEU A 89 12.26 3.17 3.04
C LEU A 89 12.28 1.70 2.63
N LEU A 90 11.21 1.22 2.03
CA LEU A 90 11.24 -0.17 1.53
C LEU A 90 12.37 -0.41 0.55
N THR A 91 12.68 0.58 -0.29
CA THR A 91 13.78 0.43 -1.25
C THR A 91 15.12 0.39 -0.52
N GLN A 92 15.26 1.12 0.58
CA GLN A 92 16.51 1.15 1.33
C GLN A 92 16.85 -0.20 1.96
N ILE A 93 15.83 -0.97 2.33
CA ILE A 93 16.09 -2.30 2.89
C ILE A 93 16.07 -3.34 1.77
N GLY A 94 16.01 -2.89 0.52
CA GLY A 94 16.05 -3.85 -0.57
C GLY A 94 14.80 -4.71 -0.60
N CYS A 95 13.66 -4.12 -0.26
CA CYS A 95 12.38 -4.81 -0.28
C CYS A 95 11.75 -4.87 -1.69
N THR A 96 11.37 -6.07 -2.13
CA THR A 96 10.77 -6.26 -3.45
C THR A 96 9.45 -7.00 -3.27
N LEU A 97 8.54 -6.85 -4.24
CA LEU A 97 7.40 -7.75 -4.30
C LEU A 97 7.76 -8.95 -5.17
N ASN A 98 7.35 -10.15 -4.77
CA ASN A 98 7.72 -11.34 -5.54
C ASN A 98 6.56 -12.30 -5.69
N PHE A 99 6.36 -12.81 -6.91
CA PHE A 99 5.42 -13.89 -7.14
C PHE A 99 5.77 -14.71 -8.39
N PRO B 1 7.28 -12.50 -11.07
CA PRO B 1 8.37 -11.53 -11.16
C PRO B 1 8.84 -11.06 -9.80
N GLN B 2 9.93 -10.30 -9.82
CA GLN B 2 10.41 -9.59 -8.64
C GLN B 2 10.31 -8.10 -8.92
N ILE B 3 9.53 -7.37 -8.12
CA ILE B 3 9.29 -5.98 -8.44
C ILE B 3 9.93 -5.09 -7.40
N THR B 4 10.81 -4.19 -7.86
CA THR B 4 11.41 -3.20 -6.98
C THR B 4 10.43 -2.06 -6.70
N LEU B 5 10.75 -1.27 -5.68
CA LEU B 5 9.85 -0.23 -5.21
C LEU B 5 10.33 1.20 -5.44
N TRP B 6 11.36 1.32 -6.28
CA TRP B 6 11.90 2.62 -6.69
C TRP B 6 10.81 3.48 -7.32
N LYS B 7 9.96 2.80 -8.09
CA LYS B 7 8.83 3.41 -8.74
C LYS B 7 7.60 2.77 -8.13
N ARG B 8 6.44 3.39 -8.30
CA ARG B 8 5.18 2.70 -8.02
C ARG B 8 5.13 1.31 -8.67
N PRO B 9 4.80 0.29 -7.88
CA PRO B 9 4.63 -1.07 -8.42
C PRO B 9 3.35 -1.23 -9.24
N LEU B 10 3.39 -0.67 -10.43
CA LEU B 10 2.30 -0.73 -11.39
C LEU B 10 2.61 -1.88 -12.34
N VAL B 11 1.64 -2.77 -12.50
CA VAL B 11 1.74 -3.89 -13.41
C VAL B 11 0.52 -3.89 -14.31
N THR B 12 0.68 -4.58 -15.43
CA THR B 12 -0.45 -4.91 -16.27
C THR B 12 -1.27 -6.05 -15.67
N ILE B 13 -2.57 -5.79 -15.53
CA ILE B 13 -3.52 -6.81 -15.15
C ILE B 13 -4.54 -7.00 -16.28
N LYS B 14 -5.04 -8.23 -16.40
CA LYS B 14 -6.08 -8.57 -17.35
C LYS B 14 -7.37 -8.83 -16.59
N ILE B 15 -8.43 -8.16 -16.99
CA ILE B 15 -9.68 -8.21 -16.25
C ILE B 15 -10.75 -7.89 -17.29
N GLY B 16 -11.76 -8.75 -17.38
CA GLY B 16 -12.81 -8.49 -18.35
C GLY B 16 -12.32 -8.54 -19.78
N GLY B 17 -11.28 -9.33 -20.05
CA GLY B 17 -10.68 -9.36 -21.37
C GLY B 17 -9.98 -8.07 -21.77
N GLN B 18 -9.74 -7.21 -20.79
CA GLN B 18 -9.04 -5.95 -21.05
C GLN B 18 -7.73 -5.90 -20.28
N LEU B 19 -6.78 -5.08 -20.74
CA LEU B 19 -5.53 -4.92 -20.03
C LEU B 19 -5.62 -3.57 -19.34
N LYS B 20 -5.31 -3.53 -18.05
CA LYS B 20 -5.37 -2.29 -17.27
C LYS B 20 -4.07 -2.19 -16.48
N GLU B 21 -3.67 -0.98 -16.13
CA GLU B 21 -2.49 -0.86 -15.29
C GLU B 21 -2.98 -0.78 -13.84
N ALA B 22 -2.30 -1.44 -12.93
CA ALA B 22 -2.73 -1.42 -11.53
C ALA B 22 -1.57 -1.49 -10.54
N LEU B 23 -1.86 -0.89 -9.39
CA LEU B 23 -0.87 -0.73 -8.32
C LEU B 23 -0.98 -1.91 -7.37
N LEU B 24 0.15 -2.59 -7.25
CA LEU B 24 0.29 -3.64 -6.25
C LEU B 24 0.48 -2.99 -4.88
N ASP B 25 -0.59 -3.05 -4.09
CA ASP B 25 -0.62 -2.24 -2.88
C ASP B 25 -0.76 -3.05 -1.61
N THR B 26 0.35 -3.26 -0.92
CA THR B 26 0.35 -4.15 0.24
C THR B 26 -0.39 -3.45 1.37
N GLY B 27 -0.58 -2.15 1.24
CA GLY B 27 -1.35 -1.38 2.22
C GLY B 27 -2.85 -1.46 2.10
N ALA B 28 -3.33 -2.02 0.99
CA ALA B 28 -4.74 -2.22 0.69
C ALA B 28 -5.13 -3.66 1.02
N ASP B 29 -6.17 -3.81 1.83
CA ASP B 29 -6.82 -5.07 2.15
C ASP B 29 -7.58 -5.58 0.92
N ASP B 30 -8.15 -4.68 0.13
CA ASP B 30 -9.03 -5.02 -0.98
C ASP B 30 -8.62 -4.39 -2.31
N THR B 31 -9.44 -4.65 -3.31
CA THR B 31 -9.06 -4.34 -4.70
C THR B 31 -10.12 -3.46 -5.35
N VAL B 32 -9.67 -2.33 -5.89
CA VAL B 32 -10.53 -1.36 -6.58
C VAL B 32 -10.04 -1.15 -7.99
N ILE B 33 -10.96 -1.24 -8.95
CA ILE B 33 -10.61 -1.15 -10.36
C ILE B 33 -11.51 -0.10 -10.99
N GLU B 34 -10.95 0.62 -11.96
CA GLU B 34 -11.64 1.65 -12.74
C GLU B 34 -12.93 1.08 -13.34
N GLU B 35 -13.87 1.98 -13.56
CA GLU B 35 -15.17 1.57 -14.06
C GLU B 35 -14.94 0.85 -15.38
N MET B 36 -15.63 -0.27 -15.51
CA MET B 36 -15.55 -1.09 -16.71
C MET B 36 -16.72 -2.06 -16.71
N SER B 37 -17.02 -2.64 -17.88
CA SER B 37 -18.07 -3.66 -17.89
C SER B 37 -17.53 -5.03 -17.45
N LEU B 38 -18.18 -5.54 -16.41
CA LEU B 38 -18.02 -6.93 -16.01
C LEU B 38 -19.39 -7.62 -16.09
N PRO B 39 -19.37 -8.93 -16.36
CA PRO B 39 -20.63 -9.65 -16.46
C PRO B 39 -21.36 -9.78 -15.12
N GLY B 40 -22.68 -9.70 -15.20
CA GLY B 40 -23.55 -10.17 -14.12
C GLY B 40 -23.66 -9.34 -12.86
N ARG B 41 -23.89 -10.06 -11.76
CA ARG B 41 -24.44 -9.51 -10.54
C ARG B 41 -23.30 -8.99 -9.67
N TRP B 42 -23.62 -7.96 -8.91
CA TRP B 42 -22.67 -7.18 -8.14
C TRP B 42 -23.57 -6.54 -7.09
N LYS B 43 -23.01 -6.05 -5.99
CA LYS B 43 -23.78 -5.28 -5.03
C LYS B 43 -23.20 -3.89 -4.81
N PRO B 44 -24.08 -2.91 -4.53
CA PRO B 44 -23.61 -1.55 -4.31
C PRO B 44 -22.83 -1.45 -3.00
N LYS B 45 -21.64 -0.86 -3.10
CA LYS B 45 -20.88 -0.43 -1.92
C LYS B 45 -20.46 1.00 -2.22
N MET B 46 -20.12 1.72 -1.16
CA MET B 46 -19.62 3.08 -1.35
C MET B 46 -18.28 3.10 -0.62
N ILE B 47 -17.30 3.79 -1.19
CA ILE B 47 -15.94 3.76 -0.69
C ILE B 47 -15.33 5.13 -0.99
N GLY B 48 -14.43 5.61 -0.14
CA GLY B 48 -13.70 6.85 -0.42
C GLY B 48 -13.68 7.85 0.72
N GLY B 49 -14.64 7.69 1.64
CA GLY B 49 -14.60 8.41 2.91
C GLY B 49 -14.45 7.34 3.99
N ILE B 50 -14.30 7.83 5.22
CA ILE B 50 -14.42 7.01 6.42
C ILE B 50 -15.91 6.77 6.64
N GLY B 51 -16.40 5.68 6.06
CA GLY B 51 -17.81 5.46 5.80
C GLY B 51 -17.87 5.17 4.32
N GLY B 52 -17.96 6.25 3.48
CA GLY B 52 -17.88 6.01 2.04
C GLY B 52 -18.24 7.21 1.11
N PHE B 53 -17.52 7.14 -0.07
CA PHE B 53 -17.77 8.20 -1.06
C PHE B 53 -18.22 7.74 -2.44
N ILE B 54 -17.39 6.92 -3.09
CA ILE B 54 -17.49 6.65 -4.53
C ILE B 54 -18.28 5.37 -4.79
N LYS B 55 -19.28 5.48 -5.65
CA LYS B 55 -20.13 4.34 -5.93
C LYS B 55 -19.39 3.25 -6.71
N VAL B 56 -19.21 2.11 -6.07
CA VAL B 56 -18.56 0.95 -6.70
C VAL B 56 -19.42 -0.29 -6.57
N ARG B 57 -19.41 -1.05 -7.66
CA ARG B 57 -19.99 -2.38 -7.74
C ARG B 57 -19.05 -3.40 -7.13
N GLN B 58 -19.51 -4.11 -6.10
CA GLN B 58 -18.79 -5.28 -5.64
C GLN B 58 -19.14 -6.49 -6.49
N TYR B 59 -18.15 -6.98 -7.23
CA TYR B 59 -18.29 -8.17 -8.04
C TYR B 59 -17.47 -9.24 -7.32
N ASP B 60 -18.09 -10.37 -7.00
CA ASP B 60 -17.32 -11.45 -6.41
C ASP B 60 -16.85 -12.38 -7.53
N GLN B 61 -15.89 -13.23 -7.22
CA GLN B 61 -15.44 -14.23 -8.20
C GLN B 61 -15.01 -13.65 -9.54
N ILE B 62 -14.30 -12.52 -9.50
CA ILE B 62 -13.77 -11.93 -10.73
C ILE B 62 -12.41 -12.57 -10.96
N ILE B 63 -12.17 -13.07 -12.17
CA ILE B 63 -10.85 -13.54 -12.56
C ILE B 63 -10.03 -12.34 -13.00
N ILE B 64 -8.85 -12.21 -12.43
CA ILE B 64 -7.88 -11.21 -12.84
C ILE B 64 -6.61 -11.97 -13.17
N GLU B 65 -5.89 -11.54 -14.20
CA GLU B 65 -4.58 -12.14 -14.43
C GLU B 65 -3.52 -11.08 -14.16
N ILE B 66 -2.47 -11.45 -13.42
CA ILE B 66 -1.29 -10.60 -13.21
C ILE B 66 0.04 -11.28 -13.55
N CYS B 67 0.65 -10.82 -14.64
CA CYS B 67 1.89 -11.39 -15.14
C CYS B 67 1.80 -12.91 -15.13
N GLY B 68 0.68 -13.43 -15.64
CA GLY B 68 0.61 -14.85 -15.94
C GLY B 68 0.07 -15.65 -14.76
N HIS B 69 -0.39 -14.92 -13.76
CA HIS B 69 -0.88 -15.50 -12.51
C HIS B 69 -2.36 -15.14 -12.41
N LYS B 70 -3.20 -16.17 -12.46
CA LYS B 70 -4.65 -16.00 -12.39
C LYS B 70 -5.06 -15.94 -10.93
N ALA B 71 -5.99 -15.06 -10.60
CA ALA B 71 -6.48 -14.96 -9.25
C ALA B 71 -7.98 -14.76 -9.43
N ILE B 72 -8.76 -15.22 -8.46
CA ILE B 72 -10.20 -14.97 -8.42
C ILE B 72 -10.49 -14.35 -7.07
N GLY B 73 -11.30 -13.31 -7.06
CA GLY B 73 -11.71 -12.73 -5.78
C GLY B 73 -12.63 -11.56 -6.04
N THR B 74 -12.86 -10.84 -4.95
CA THR B 74 -13.78 -9.71 -4.91
C THR B 74 -13.07 -8.48 -5.42
N VAL B 75 -13.73 -7.81 -6.36
CA VAL B 75 -13.20 -6.59 -6.93
C VAL B 75 -14.26 -5.48 -6.83
N LEU B 76 -13.84 -4.30 -6.39
CA LEU B 76 -14.71 -3.11 -6.37
C LEU B 76 -14.53 -2.34 -7.67
N VAL B 77 -15.57 -2.21 -8.49
CA VAL B 77 -15.39 -1.66 -9.82
C VAL B 77 -16.11 -0.32 -9.98
N GLY B 78 -15.34 0.76 -10.02
CA GLY B 78 -15.84 2.12 -10.22
C GLY B 78 -14.75 3.11 -10.57
N PRO B 79 -15.09 4.41 -10.71
CA PRO B 79 -14.13 5.51 -10.91
C PRO B 79 -13.06 5.78 -9.85
N THR B 80 -12.39 4.75 -9.34
CA THR B 80 -11.20 5.00 -8.50
C THR B 80 -10.15 5.74 -9.33
N PRO B 81 -9.39 6.67 -8.71
CA PRO B 81 -8.40 7.30 -9.59
C PRO B 81 -7.24 6.35 -9.96
N VAL B 82 -7.13 5.21 -9.30
CA VAL B 82 -5.99 4.32 -9.56
C VAL B 82 -6.57 2.93 -9.39
N ASN B 83 -6.21 2.01 -10.29
CA ASN B 83 -6.49 0.60 -10.07
C ASN B 83 -5.56 0.05 -9.00
N ILE B 84 -6.15 -0.59 -8.00
CA ILE B 84 -5.39 -0.98 -6.83
C ILE B 84 -5.60 -2.47 -6.58
N ILE B 85 -4.53 -3.25 -6.66
CA ILE B 85 -4.62 -4.64 -6.26
C ILE B 85 -4.19 -4.71 -4.78
N GLY B 86 -5.13 -5.07 -3.89
CA GLY B 86 -4.81 -5.22 -2.48
C GLY B 86 -4.60 -6.68 -2.13
N ARG B 87 -4.43 -6.94 -0.85
CA ARG B 87 -4.00 -8.24 -0.31
C ARG B 87 -4.91 -9.41 -0.67
N ASN B 88 -6.21 -9.11 -0.74
CA ASN B 88 -7.19 -10.13 -1.14
C ASN B 88 -6.83 -10.81 -2.46
N LEU B 89 -6.21 -10.08 -3.39
CA LEU B 89 -5.77 -10.72 -4.62
C LEU B 89 -4.27 -11.01 -4.64
N LEU B 90 -3.50 -10.19 -3.93
CA LEU B 90 -2.06 -10.41 -3.86
C LEU B 90 -1.75 -11.78 -3.29
N THR B 91 -2.55 -12.24 -2.34
CA THR B 91 -2.31 -13.53 -1.73
C THR B 91 -2.60 -14.65 -2.73
N GLN B 92 -3.52 -14.40 -3.67
CA GLN B 92 -3.99 -15.41 -4.62
C GLN B 92 -2.93 -15.68 -5.67
N ILE B 93 -2.07 -14.71 -5.93
CA ILE B 93 -1.00 -14.89 -6.90
C ILE B 93 0.30 -15.28 -6.20
N GLY B 94 0.28 -15.49 -4.89
CA GLY B 94 1.47 -15.90 -4.15
C GLY B 94 2.45 -14.77 -3.93
N CYS B 95 1.96 -13.54 -3.93
CA CYS B 95 2.81 -12.35 -3.88
C CYS B 95 3.28 -12.15 -2.45
N THR B 96 4.60 -12.09 -2.27
CA THR B 96 5.17 -11.77 -0.96
C THR B 96 6.07 -10.55 -0.99
N LEU B 97 6.36 -10.00 0.20
CA LEU B 97 7.37 -8.98 0.36
C LEU B 97 8.66 -9.67 0.79
N ASN B 98 9.80 -9.19 0.29
CA ASN B 98 11.05 -9.91 0.47
C ASN B 98 12.22 -8.95 0.60
N PHE B 99 13.00 -9.15 1.65
CA PHE B 99 14.17 -8.32 1.93
C PHE B 99 15.15 -9.09 2.81
N ALA C 1 -2.50 2.75 -0.59
CA ALA C 1 -1.64 2.94 0.60
C ALA C 1 -2.38 2.42 1.83
N GLY C 2 -3.50 3.05 2.13
CA GLY C 2 -4.45 2.48 3.08
C GLY C 2 -5.36 1.71 2.15
N ALA C 3 -6.23 2.45 1.47
CA ALA C 3 -6.85 2.08 0.20
C ALA C 3 -7.80 0.89 0.24
N ALA C 4 -7.98 0.35 1.45
CA ALA C 4 -8.73 -0.87 1.70
C ALA C 4 -8.45 -1.53 3.06
#